data_7O45
#
_entry.id   7O45
#
_cell.length_a   80.282
_cell.length_b   89.943
_cell.length_c   92.195
_cell.angle_alpha   90.000
_cell.angle_beta   90.000
_cell.angle_gamma   90.000
#
_symmetry.space_group_name_H-M   'P 21 21 21'
#
loop_
_entity.id
_entity.type
_entity.pdbx_description
1 polymer 'Isoform 6 of DNA (cytosine-5)-methyltransferase 3B'
2 non-polymer 'ZINC ION'
3 non-polymer 'BROMIDE ION'
4 water water
#
_entity_poly.entity_id   1
_entity_poly.type   'polypeptide(L)'
_entity_poly.pdbx_seq_one_letter_code
;SGSDEDQSREQMASDVANNKSSLEDGCLSCGRKNPVSFHPLFEGGLCQTCRDRFLELFYMYDDDGYQSYCTVCCEGRELL
LCSNTSCCRCFCVECLEVLVGTGTAAEAKLQEPWSCYMCLPQRCHGVLRRRKDWNVRLQAFFTSDT
;
_entity_poly.pdbx_strand_id   A,B,C,D
#
# COMPACT_ATOMS: atom_id res chain seq x y z
N ASP A 6 -0.39 3.71 35.63
CA ASP A 6 -1.05 3.01 36.75
C ASP A 6 -2.11 2.01 36.20
N GLN A 7 -2.90 2.37 35.18
CA GLN A 7 -3.92 1.45 34.61
C GLN A 7 -3.17 0.24 34.01
N SER A 8 -3.43 -0.96 34.51
CA SER A 8 -2.96 -2.23 33.88
C SER A 8 -3.71 -2.50 32.56
N ARG A 9 -3.15 -3.36 31.73
CA ARG A 9 -3.77 -3.75 30.44
C ARG A 9 -4.98 -4.64 30.73
N GLU A 10 -4.93 -5.45 31.80
CA GLU A 10 -6.05 -6.34 32.24
C GLU A 10 -7.26 -5.48 32.60
N GLN A 11 -7.05 -4.39 33.35
CA GLN A 11 -8.11 -3.43 33.77
C GLN A 11 -8.70 -2.77 32.52
N MET A 12 -7.85 -2.26 31.62
CA MET A 12 -8.27 -1.59 30.34
C MET A 12 -9.14 -2.57 29.52
N ALA A 13 -8.71 -3.82 29.34
CA ALA A 13 -9.43 -4.86 28.55
C ALA A 13 -10.82 -5.14 29.16
N SER A 14 -10.88 -5.26 30.48
CA SER A 14 -12.14 -5.52 31.23
C SER A 14 -13.13 -4.36 31.06
N ASP A 15 -12.66 -3.11 31.28
CA ASP A 15 -13.50 -1.89 31.10
C ASP A 15 -14.02 -1.78 29.66
N VAL A 16 -13.17 -2.02 28.67
CA VAL A 16 -13.53 -1.99 27.22
C VAL A 16 -14.64 -3.02 26.95
N ALA A 17 -14.47 -4.28 27.34
CA ALA A 17 -15.45 -5.38 27.10
C ALA A 17 -16.80 -5.05 27.73
N ASN A 18 -16.81 -4.39 28.90
CA ASN A 18 -18.03 -3.97 29.62
C ASN A 18 -18.48 -2.54 29.28
N ASN A 19 -17.96 -1.93 28.20
CA ASN A 19 -18.40 -0.58 27.71
C ASN A 19 -18.25 0.50 28.80
N LYS A 20 -17.24 0.40 29.67
CA LYS A 20 -16.93 1.43 30.69
C LYS A 20 -15.97 2.48 30.10
N SER A 21 -15.02 2.07 29.24
CA SER A 21 -14.09 2.98 28.50
C SER A 21 -14.02 2.57 27.03
N SER A 22 -13.57 3.48 26.19
CA SER A 22 -13.26 3.26 24.76
C SER A 22 -11.82 2.76 24.65
N LEU A 23 -11.57 1.85 23.70
CA LEU A 23 -10.20 1.43 23.28
C LEU A 23 -9.32 2.65 22.96
N GLU A 24 -9.89 3.72 22.39
CA GLU A 24 -9.12 4.91 21.93
C GLU A 24 -8.53 5.70 23.11
N ASP A 25 -9.05 5.55 24.33
CA ASP A 25 -8.63 6.33 25.53
C ASP A 25 -7.68 5.51 26.41
N GLY A 26 -7.21 4.34 25.94
CA GLY A 26 -6.10 3.61 26.57
C GLY A 26 -5.01 3.29 25.55
N CYS A 27 -3.77 3.16 26.01
CA CYS A 27 -2.67 2.68 25.15
C CYS A 27 -2.85 1.17 24.99
N LEU A 28 -3.06 0.72 23.75
CA LEU A 28 -3.23 -0.74 23.42
C LEU A 28 -1.95 -1.51 23.80
N SER A 29 -0.79 -0.85 23.75
CA SER A 29 0.54 -1.45 23.99
C SER A 29 0.80 -1.62 25.49
N CYS A 30 0.62 -0.58 26.32
CA CYS A 30 1.03 -0.58 27.77
C CYS A 30 -0.13 -0.37 28.75
N GLY A 31 -1.33 0.04 28.32
CA GLY A 31 -2.54 0.13 29.18
C GLY A 31 -2.80 1.51 29.75
N ARG A 32 -1.87 2.45 29.60
CA ARG A 32 -1.86 3.83 30.16
C ARG A 32 -3.08 4.60 29.66
N LYS A 33 -3.67 5.44 30.52
CA LYS A 33 -4.84 6.30 30.17
C LYS A 33 -4.41 7.49 29.33
N ASN A 34 -5.33 7.99 28.50
CA ASN A 34 -5.23 9.24 27.67
C ASN A 34 -3.91 9.27 26.91
N PRO A 35 -3.65 8.28 26.01
CA PRO A 35 -2.49 8.34 25.12
C PRO A 35 -2.66 9.46 24.09
N VAL A 36 -1.54 9.95 23.57
CA VAL A 36 -1.48 11.13 22.65
C VAL A 36 -1.98 10.71 21.26
N SER A 37 -1.70 9.49 20.80
CA SER A 37 -1.97 9.07 19.40
C SER A 37 -2.75 7.75 19.35
N PHE A 38 -2.73 7.05 18.22
CA PHE A 38 -3.55 5.86 17.92
C PHE A 38 -2.63 4.75 17.44
N HIS A 39 -2.95 3.50 17.80
CA HIS A 39 -2.37 2.32 17.10
C HIS A 39 -2.99 2.30 15.71
N PRO A 40 -2.18 2.26 14.62
CA PRO A 40 -2.74 2.32 13.27
C PRO A 40 -3.51 1.08 12.81
N LEU A 41 -3.18 -0.12 13.32
CA LEU A 41 -3.70 -1.40 12.77
C LEU A 41 -4.89 -1.89 13.58
N PHE A 42 -4.90 -1.67 14.90
CA PHE A 42 -5.91 -2.18 15.85
C PHE A 42 -6.52 -0.98 16.57
N GLU A 43 -7.82 -1.08 16.89
CA GLU A 43 -8.55 -0.06 17.68
C GLU A 43 -7.86 0.05 19.04
N GLY A 44 -7.53 1.27 19.43
CA GLY A 44 -6.66 1.51 20.59
C GLY A 44 -5.82 2.73 20.42
N GLY A 45 -5.52 3.38 21.54
CA GLY A 45 -4.55 4.48 21.58
C GLY A 45 -3.14 3.95 21.50
N LEU A 46 -2.20 4.87 21.34
CA LEU A 46 -0.75 4.59 21.44
C LEU A 46 -0.12 5.80 22.13
N CYS A 47 0.49 5.60 23.29
CA CYS A 47 1.19 6.67 24.04
C CYS A 47 2.50 7.03 23.31
N GLN A 48 3.12 8.14 23.68
CA GLN A 48 4.34 8.70 23.05
C GLN A 48 5.45 7.64 23.17
N THR A 49 5.68 7.08 24.36
CA THR A 49 6.83 6.14 24.60
C THR A 49 6.59 4.83 23.84
N CYS A 50 5.38 4.26 23.79
CA CYS A 50 5.12 3.00 23.03
C CYS A 50 5.27 3.29 21.52
N ARG A 51 4.85 4.46 21.04
CA ARG A 51 5.01 4.87 19.63
C ARG A 51 6.52 4.96 19.30
N ASP A 52 7.32 5.56 20.19
CA ASP A 52 8.80 5.70 20.01
C ASP A 52 9.48 4.32 19.91
N ARG A 53 8.99 3.27 20.59
CA ARG A 53 9.57 1.91 20.47
C ARG A 53 9.58 1.45 19.01
N PHE A 54 8.45 1.58 18.31
CA PHE A 54 8.30 1.20 16.87
C PHE A 54 9.26 2.01 16.00
N LEU A 55 9.32 3.34 16.18
CA LEU A 55 10.17 4.25 15.39
C LEU A 55 11.65 3.96 15.63
N GLU A 56 12.02 3.50 16.83
CA GLU A 56 13.44 3.36 17.26
C GLU A 56 13.92 1.90 17.19
N LEU A 57 13.17 0.97 16.60
CA LEU A 57 13.66 -0.41 16.35
C LEU A 57 14.98 -0.34 15.58
N PHE A 58 15.91 -1.26 15.89
CA PHE A 58 17.17 -1.49 15.14
C PHE A 58 16.84 -2.45 13.98
N TYR A 59 17.07 -3.76 14.10
CA TYR A 59 16.71 -4.78 13.10
C TYR A 59 15.20 -5.04 13.22
N MET A 60 14.48 -4.92 12.11
CA MET A 60 13.01 -5.12 12.05
C MET A 60 12.65 -6.57 11.74
N TYR A 61 13.60 -7.34 11.19
CA TYR A 61 13.46 -8.76 10.81
C TYR A 61 14.56 -9.61 11.45
N ASP A 62 14.21 -10.84 11.83
CA ASP A 62 15.16 -11.88 12.34
C ASP A 62 15.77 -12.55 11.10
N ASP A 63 16.71 -13.50 11.29
CA ASP A 63 17.41 -14.21 10.20
C ASP A 63 16.47 -15.11 9.39
N ASP A 64 15.31 -15.52 9.93
CA ASP A 64 14.30 -16.35 9.20
C ASP A 64 13.29 -15.51 8.39
N GLY A 65 13.40 -14.17 8.33
CA GLY A 65 12.47 -13.28 7.60
C GLY A 65 11.15 -13.04 8.32
N TYR A 66 11.07 -13.28 9.64
CA TYR A 66 9.92 -12.85 10.47
C TYR A 66 10.28 -11.56 11.19
N GLN A 67 9.26 -10.74 11.46
CA GLN A 67 9.44 -9.45 12.17
C GLN A 67 9.95 -9.75 13.57
N SER A 68 10.87 -8.92 14.05
CA SER A 68 11.61 -9.05 15.33
C SER A 68 10.81 -8.48 16.50
N TYR A 69 9.56 -8.02 16.29
CA TYR A 69 8.77 -7.24 17.27
C TYR A 69 7.29 -7.62 17.19
N CYS A 70 6.59 -7.51 18.31
CA CYS A 70 5.12 -7.63 18.42
C CYS A 70 4.46 -6.45 17.68
N THR A 71 3.54 -6.75 16.77
CA THR A 71 2.70 -5.78 16.03
C THR A 71 1.95 -4.85 17.03
N VAL A 72 1.55 -5.33 18.21
CA VAL A 72 0.76 -4.50 19.17
C VAL A 72 1.69 -3.67 20.06
N CYS A 73 2.63 -4.29 20.78
CA CYS A 73 3.41 -3.65 21.88
C CYS A 73 4.91 -3.46 21.58
N CYS A 74 5.43 -4.00 20.46
CA CYS A 74 6.85 -3.87 20.02
C CYS A 74 7.83 -4.75 20.84
N GLU A 75 7.37 -5.59 21.77
CA GLU A 75 8.23 -6.55 22.53
C GLU A 75 8.82 -7.60 21.57
N GLY A 76 10.04 -8.08 21.85
CA GLY A 76 10.76 -9.14 21.11
C GLY A 76 10.62 -10.53 21.73
N ARG A 77 10.08 -10.66 22.96
CA ARG A 77 10.04 -11.91 23.76
C ARG A 77 8.72 -12.65 23.52
N GLU A 78 8.78 -13.99 23.42
CA GLU A 78 7.64 -14.93 23.26
C GLU A 78 6.73 -14.49 22.08
N LEU A 79 7.29 -14.39 20.87
CA LEU A 79 6.56 -14.02 19.63
C LEU A 79 5.93 -15.27 19.00
N LEU A 80 4.65 -15.19 18.64
CA LEU A 80 4.02 -16.12 17.67
C LEU A 80 4.18 -15.52 16.27
N LEU A 81 4.49 -16.38 15.29
CA LEU A 81 4.95 -16.00 13.94
C LEU A 81 3.80 -16.33 12.96
N CYS A 82 3.31 -15.36 12.20
CA CYS A 82 2.29 -15.60 11.14
C CYS A 82 2.89 -16.56 10.11
N SER A 83 2.17 -17.62 9.76
CA SER A 83 2.53 -18.63 8.72
C SER A 83 2.24 -18.13 7.30
N ASN A 84 1.54 -17.01 7.10
CA ASN A 84 1.37 -16.39 5.75
C ASN A 84 2.71 -15.76 5.34
N THR A 85 3.32 -16.26 4.27
CA THR A 85 4.65 -15.83 3.75
C THR A 85 4.56 -14.42 3.15
N SER A 86 3.36 -13.93 2.84
CA SER A 86 3.09 -12.52 2.42
C SER A 86 3.01 -11.56 3.61
N CYS A 87 3.03 -12.06 4.86
CA CYS A 87 2.79 -11.26 6.09
C CYS A 87 4.04 -11.29 6.96
N CYS A 88 4.30 -12.40 7.66
CA CYS A 88 5.48 -12.60 8.53
C CYS A 88 5.47 -11.63 9.73
N ARG A 89 4.30 -11.13 10.13
CA ARG A 89 4.12 -10.30 11.35
C ARG A 89 4.15 -11.24 12.56
N CYS A 90 4.36 -10.66 13.74
CA CYS A 90 4.40 -11.39 15.03
C CYS A 90 3.53 -10.71 16.09
N PHE A 91 2.96 -11.53 16.97
CA PHE A 91 2.18 -11.11 18.16
C PHE A 91 2.75 -11.85 19.36
N CYS A 92 2.99 -11.16 20.47
CA CYS A 92 3.56 -11.75 21.70
C CYS A 92 2.47 -12.49 22.49
N VAL A 93 2.89 -13.39 23.38
CA VAL A 93 2.00 -14.20 24.29
C VAL A 93 1.17 -13.23 25.14
N GLU A 94 1.79 -12.20 25.74
CA GLU A 94 1.13 -11.26 26.69
C GLU A 94 -0.06 -10.56 25.98
N CYS A 95 0.12 -10.05 24.76
CA CYS A 95 -0.94 -9.31 24.02
C CYS A 95 -2.11 -10.27 23.74
N LEU A 96 -1.83 -11.50 23.29
CA LEU A 96 -2.85 -12.57 23.08
C LEU A 96 -3.62 -12.85 24.39
N GLU A 97 -2.91 -13.07 25.49
CA GLU A 97 -3.51 -13.40 26.82
C GLU A 97 -4.41 -12.25 27.29
N VAL A 98 -3.93 -11.01 27.20
CA VAL A 98 -4.62 -9.83 27.81
C VAL A 98 -5.71 -9.28 26.87
N LEU A 99 -5.48 -9.18 25.56
CA LEU A 99 -6.46 -8.51 24.63
C LEU A 99 -7.45 -9.54 24.07
N VAL A 100 -7.03 -10.77 23.76
CA VAL A 100 -7.94 -11.81 23.21
C VAL A 100 -8.56 -12.60 24.37
N GLY A 101 -7.74 -13.11 25.28
CA GLY A 101 -8.20 -13.82 26.50
C GLY A 101 -7.25 -14.93 26.93
N THR A 102 -7.36 -15.34 28.19
CA THR A 102 -6.56 -16.42 28.84
C THR A 102 -6.66 -17.69 27.99
N GLY A 103 -5.53 -18.33 27.68
CA GLY A 103 -5.44 -19.56 26.87
C GLY A 103 -5.21 -19.31 25.38
N THR A 104 -5.36 -18.08 24.87
CA THR A 104 -5.23 -17.78 23.41
C THR A 104 -3.84 -18.19 22.91
N ALA A 105 -2.76 -17.85 23.63
CA ALA A 105 -1.36 -18.20 23.23
C ALA A 105 -1.20 -19.73 23.06
N ALA A 106 -1.65 -20.51 24.05
CA ALA A 106 -1.61 -21.99 24.04
C ALA A 106 -2.43 -22.56 22.86
N GLU A 107 -3.64 -22.05 22.64
CA GLU A 107 -4.54 -22.40 21.49
C GLU A 107 -3.82 -22.08 20.17
N ALA A 108 -3.19 -20.91 20.07
CA ALA A 108 -2.46 -20.43 18.86
C ALA A 108 -1.27 -21.36 18.55
N LYS A 109 -0.52 -21.81 19.57
CA LYS A 109 0.62 -22.75 19.42
C LYS A 109 0.16 -24.11 18.85
N LEU A 110 -1.10 -24.52 19.04
CA LEU A 110 -1.70 -25.78 18.51
C LEU A 110 -2.29 -25.60 17.08
N GLN A 111 -2.45 -24.37 16.57
CA GLN A 111 -3.07 -24.14 15.23
C GLN A 111 -2.14 -24.68 14.11
N GLU A 112 -2.74 -25.27 13.07
CA GLU A 112 -2.06 -25.98 11.96
C GLU A 112 -2.39 -25.40 10.58
N PRO A 113 -1.79 -24.28 10.10
CA PRO A 113 -0.89 -23.41 10.87
C PRO A 113 -1.60 -22.21 11.51
N TRP A 114 -0.84 -21.33 12.17
CA TRP A 114 -1.34 -20.08 12.81
C TRP A 114 -1.30 -18.90 11.82
N SER A 115 -2.45 -18.25 11.61
CA SER A 115 -2.64 -16.99 10.87
C SER A 115 -2.82 -15.86 11.88
N CYS A 116 -2.07 -14.77 11.74
CA CYS A 116 -2.12 -13.63 12.70
C CYS A 116 -3.42 -12.82 12.55
N TYR A 117 -3.63 -11.86 13.43
CA TYR A 117 -4.87 -11.04 13.51
C TYR A 117 -4.94 -10.01 12.38
N MET A 118 -3.86 -9.76 11.61
CA MET A 118 -3.95 -8.95 10.37
C MET A 118 -4.45 -9.83 9.21
N CYS A 119 -4.24 -11.14 9.23
CA CYS A 119 -4.54 -12.07 8.10
C CYS A 119 -5.92 -12.72 8.25
N LEU A 120 -6.45 -12.90 9.47
CA LEU A 120 -7.74 -13.61 9.70
C LEU A 120 -8.88 -12.80 9.07
N PRO A 121 -9.82 -13.44 8.32
CA PRO A 121 -11.03 -12.77 7.85
C PRO A 121 -11.80 -12.06 8.97
N GLN A 122 -11.93 -12.72 10.13
CA GLN A 122 -12.63 -12.17 11.31
C GLN A 122 -11.84 -10.96 11.85
N ARG A 123 -12.51 -9.83 12.00
CA ARG A 123 -11.93 -8.52 12.35
C ARG A 123 -11.59 -8.47 13.85
N CYS A 124 -12.44 -9.03 14.73
CA CYS A 124 -12.33 -8.86 16.20
C CYS A 124 -12.19 -10.22 16.92
N HIS A 125 -11.31 -10.26 17.91
CA HIS A 125 -11.13 -11.37 18.89
C HIS A 125 -10.88 -10.75 20.29
N GLY A 126 -11.83 -10.92 21.23
CA GLY A 126 -11.83 -10.22 22.54
C GLY A 126 -11.90 -8.73 22.31
N VAL A 127 -10.95 -7.95 22.82
CA VAL A 127 -10.85 -6.48 22.60
C VAL A 127 -9.76 -6.15 21.58
N LEU A 128 -9.18 -7.16 20.90
CA LEU A 128 -8.26 -6.98 19.75
C LEU A 128 -9.09 -6.87 18.46
N ARG A 129 -9.29 -5.66 17.97
CA ARG A 129 -10.20 -5.34 16.85
C ARG A 129 -9.38 -4.66 15.78
N ARG A 130 -9.10 -5.36 14.67
CA ARG A 130 -8.40 -4.76 13.51
C ARG A 130 -9.24 -3.56 13.06
N ARG A 131 -8.62 -2.41 12.80
CA ARG A 131 -9.34 -1.23 12.28
C ARG A 131 -9.97 -1.57 10.92
N LYS A 132 -11.20 -1.15 10.70
CA LYS A 132 -11.86 -1.18 9.37
C LYS A 132 -11.07 -0.30 8.40
N ASP A 133 -10.45 0.78 8.89
CA ASP A 133 -9.70 1.80 8.10
C ASP A 133 -8.18 1.66 8.37
N TRP A 134 -7.66 0.44 8.63
CA TRP A 134 -6.24 0.26 9.05
C TRP A 134 -5.28 0.81 7.99
N ASN A 135 -5.60 0.69 6.72
CA ASN A 135 -4.69 1.11 5.62
C ASN A 135 -4.57 2.65 5.61
N VAL A 136 -5.69 3.37 5.67
CA VAL A 136 -5.70 4.86 5.73
C VAL A 136 -5.06 5.32 7.05
N ARG A 137 -5.34 4.62 8.16
CA ARG A 137 -4.72 4.92 9.49
C ARG A 137 -3.20 4.81 9.43
N LEU A 138 -2.70 3.78 8.73
CA LEU A 138 -1.24 3.52 8.62
C LEU A 138 -0.60 4.63 7.78
N GLN A 139 -1.28 5.09 6.72
CA GLN A 139 -0.82 6.24 5.89
C GLN A 139 -0.75 7.51 6.76
N ALA A 140 -1.75 7.74 7.61
CA ALA A 140 -1.76 8.87 8.58
C ALA A 140 -0.59 8.74 9.56
N PHE A 141 -0.35 7.53 10.07
CA PHE A 141 0.77 7.23 11.00
C PHE A 141 2.13 7.57 10.35
N PHE A 142 2.36 7.20 9.09
CA PHE A 142 3.63 7.50 8.35
C PHE A 142 3.70 8.97 7.93
N THR A 143 2.57 9.67 7.76
CA THR A 143 2.54 11.10 7.36
C THR A 143 3.14 11.97 8.47
N SER A 144 2.80 11.69 9.72
CA SER A 144 3.18 12.48 10.92
C SER A 144 4.70 12.46 11.10
N ASP A 145 5.30 13.63 11.28
CA ASP A 145 6.73 13.81 11.65
C ASP A 145 6.84 14.35 13.09
N THR A 146 5.87 14.07 13.97
CA THR A 146 5.80 14.62 15.37
C THR A 146 5.29 13.53 16.33
N ASP B 6 28.66 -10.05 -2.17
CA ASP B 6 30.07 -10.50 -2.47
C ASP B 6 30.70 -9.50 -3.46
N GLN B 7 31.88 -8.90 -3.11
CA GLN B 7 32.44 -7.58 -3.55
C GLN B 7 31.74 -6.95 -4.76
N SER B 8 31.98 -7.31 -6.03
CA SER B 8 31.24 -6.75 -7.20
C SER B 8 29.81 -7.28 -7.25
N ARG B 9 28.95 -6.61 -8.01
CA ARG B 9 27.54 -7.04 -8.16
C ARG B 9 27.49 -8.30 -9.04
N GLU B 10 28.40 -8.41 -10.02
CA GLU B 10 28.54 -9.59 -10.92
C GLU B 10 28.89 -10.82 -10.07
N GLN B 11 29.83 -10.69 -9.12
CA GLN B 11 30.26 -11.77 -8.20
C GLN B 11 29.09 -12.19 -7.31
N MET B 12 28.39 -11.22 -6.70
CA MET B 12 27.21 -11.47 -5.83
C MET B 12 26.13 -12.23 -6.60
N ALA B 13 25.78 -11.80 -7.81
CA ALA B 13 24.74 -12.43 -8.68
C ALA B 13 25.12 -13.88 -9.01
N SER B 14 26.39 -14.11 -9.36
CA SER B 14 26.94 -15.45 -9.72
C SER B 14 26.87 -16.39 -8.51
N ASP B 15 27.36 -15.95 -7.35
CA ASP B 15 27.33 -16.73 -6.08
C ASP B 15 25.90 -17.08 -5.70
N VAL B 16 24.97 -16.12 -5.75
CA VAL B 16 23.52 -16.34 -5.44
C VAL B 16 22.95 -17.44 -6.38
N ALA B 17 23.10 -17.28 -7.70
CA ALA B 17 22.57 -18.22 -8.72
C ALA B 17 23.10 -19.64 -8.49
N ASN B 18 24.37 -19.76 -8.09
CA ASN B 18 25.08 -21.06 -7.92
C ASN B 18 25.09 -21.46 -6.43
N ASN B 19 24.21 -20.90 -5.59
CA ASN B 19 23.94 -21.38 -4.22
C ASN B 19 25.18 -21.25 -3.33
N LYS B 20 26.06 -20.28 -3.57
CA LYS B 20 27.24 -20.00 -2.70
C LYS B 20 26.86 -18.97 -1.62
N SER B 21 25.97 -18.01 -1.90
CA SER B 21 25.53 -16.95 -0.94
C SER B 21 24.01 -16.81 -0.95
N SER B 22 23.44 -16.24 0.11
CA SER B 22 22.03 -15.76 0.16
C SER B 22 21.98 -14.33 -0.38
N LEU B 23 20.93 -14.00 -1.13
CA LEU B 23 20.56 -12.60 -1.49
C LEU B 23 20.60 -11.66 -0.26
N GLU B 24 20.15 -12.15 0.91
CA GLU B 24 20.00 -11.31 2.13
C GLU B 24 21.35 -10.87 2.71
N ASP B 25 22.46 -11.55 2.37
CA ASP B 25 23.83 -11.27 2.90
C ASP B 25 24.66 -10.43 1.92
N GLY B 26 24.05 -9.91 0.84
CA GLY B 26 24.66 -8.92 -0.06
C GLY B 26 23.76 -7.72 -0.26
N CYS B 27 24.33 -6.55 -0.53
CA CYS B 27 23.55 -5.36 -0.93
C CYS B 27 23.09 -5.56 -2.37
N LEU B 28 21.78 -5.63 -2.60
CA LEU B 28 21.18 -5.75 -3.95
C LEU B 28 21.58 -4.56 -4.81
N SER B 29 21.80 -3.39 -4.21
CA SER B 29 22.08 -2.11 -4.92
C SER B 29 23.55 -2.05 -5.37
N CYS B 30 24.53 -2.33 -4.49
CA CYS B 30 26.00 -2.14 -4.77
C CYS B 30 26.83 -3.44 -4.72
N GLY B 31 26.32 -4.56 -4.18
CA GLY B 31 27.04 -5.85 -4.16
C GLY B 31 27.80 -6.14 -2.86
N ARG B 32 27.94 -5.16 -1.96
CA ARG B 32 28.72 -5.22 -0.69
C ARG B 32 28.22 -6.36 0.21
N LYS B 33 29.13 -7.04 0.91
CA LYS B 33 28.81 -8.16 1.86
C LYS B 33 28.28 -7.60 3.18
N ASN B 34 27.48 -8.39 3.89
CA ASN B 34 26.90 -8.14 5.25
C ASN B 34 26.31 -6.72 5.35
N PRO B 35 25.30 -6.37 4.52
CA PRO B 35 24.60 -5.09 4.65
C PRO B 35 23.78 -5.01 5.94
N VAL B 36 23.55 -3.81 6.45
CA VAL B 36 22.87 -3.56 7.75
C VAL B 36 21.37 -3.82 7.64
N SER B 37 20.74 -3.53 6.50
CA SER B 37 19.26 -3.56 6.34
C SER B 37 18.86 -4.40 5.11
N PHE B 38 17.63 -4.25 4.63
CA PHE B 38 17.02 -5.08 3.56
C PHE B 38 16.46 -4.14 2.48
N HIS B 39 16.50 -4.55 1.21
CA HIS B 39 15.67 -3.91 0.16
C HIS B 39 14.23 -4.32 0.43
N PRO B 40 13.26 -3.37 0.57
CA PRO B 40 11.89 -3.74 0.93
C PRO B 40 11.10 -4.44 -0.18
N LEU B 41 11.42 -4.22 -1.47
CA LEU B 41 10.61 -4.72 -2.61
C LEU B 41 11.14 -6.04 -3.16
N PHE B 42 12.45 -6.22 -3.19
CA PHE B 42 13.15 -7.37 -3.82
C PHE B 42 14.00 -8.06 -2.73
N GLU B 43 14.09 -9.38 -2.84
CA GLU B 43 14.98 -10.18 -1.95
C GLU B 43 16.43 -9.69 -2.14
N GLY B 44 17.11 -9.41 -1.04
CA GLY B 44 18.39 -8.70 -1.07
C GLY B 44 18.55 -7.81 0.14
N GLY B 45 19.80 -7.68 0.59
CA GLY B 45 20.17 -6.68 1.60
C GLY B 45 20.18 -5.28 1.00
N LEU B 46 20.34 -4.31 1.89
CA LEU B 46 20.57 -2.90 1.53
C LEU B 46 21.56 -2.33 2.56
N CYS B 47 22.73 -1.92 2.10
CA CYS B 47 23.79 -1.33 2.95
C CYS B 47 23.35 0.08 3.37
N GLN B 48 24.02 0.65 4.36
CA GLN B 48 23.71 1.99 4.94
C GLN B 48 23.74 3.04 3.84
N THR B 49 24.79 3.06 3.02
CA THR B 49 25.03 4.05 1.94
C THR B 49 23.91 3.99 0.90
N CYS B 50 23.59 2.80 0.40
CA CYS B 50 22.55 2.60 -0.64
C CYS B 50 21.18 2.94 -0.06
N ARG B 51 20.91 2.63 1.20
CA ARG B 51 19.65 2.97 1.91
C ARG B 51 19.52 4.50 1.98
N ASP B 52 20.59 5.21 2.35
CA ASP B 52 20.61 6.69 2.47
C ASP B 52 20.34 7.35 1.11
N ARG B 53 20.72 6.75 -0.04
CA ARG B 53 20.40 7.33 -1.39
C ARG B 53 18.89 7.53 -1.51
N PHE B 54 18.08 6.50 -1.18
CA PHE B 54 16.59 6.56 -1.26
C PHE B 54 16.04 7.63 -0.28
N LEU B 55 16.53 7.66 0.96
CA LEU B 55 16.10 8.62 2.02
C LEU B 55 16.46 10.06 1.62
N GLU B 56 17.54 10.27 0.86
CA GLU B 56 18.04 11.61 0.50
C GLU B 56 17.61 12.04 -0.93
N LEU B 57 16.78 11.28 -1.66
CA LEU B 57 16.20 11.75 -2.95
C LEU B 57 15.50 13.10 -2.71
N PHE B 58 15.65 14.04 -3.66
CA PHE B 58 14.97 15.36 -3.62
C PHE B 58 13.73 15.21 -4.50
N TYR B 59 13.85 15.35 -5.84
CA TYR B 59 12.74 15.09 -6.79
C TYR B 59 12.61 13.57 -6.95
N MET B 60 11.42 13.03 -6.68
CA MET B 60 11.10 11.59 -6.83
C MET B 60 10.61 11.32 -8.26
N TYR B 61 10.10 12.33 -8.97
CA TYR B 61 9.48 12.22 -10.33
C TYR B 61 10.15 13.18 -11.31
N ASP B 62 10.28 12.77 -12.58
CA ASP B 62 10.70 13.62 -13.72
C ASP B 62 9.47 14.42 -14.18
N ASP B 63 9.63 15.29 -15.18
CA ASP B 63 8.55 16.16 -15.75
C ASP B 63 7.43 15.33 -16.41
N ASP B 64 7.69 14.11 -16.88
CA ASP B 64 6.68 13.23 -17.54
C ASP B 64 5.92 12.33 -16.54
N GLY B 65 6.13 12.45 -15.22
CA GLY B 65 5.44 11.62 -14.20
C GLY B 65 6.00 10.21 -14.06
N TYR B 66 7.22 9.94 -14.53
CA TYR B 66 7.97 8.70 -14.20
C TYR B 66 8.93 8.97 -13.05
N GLN B 67 9.19 7.94 -12.24
CA GLN B 67 10.12 8.08 -11.10
C GLN B 67 11.51 8.40 -11.64
N SER B 68 12.24 9.26 -10.92
CA SER B 68 13.56 9.85 -11.31
C SER B 68 14.71 8.92 -10.94
N TYR B 69 14.44 7.73 -10.38
CA TYR B 69 15.45 6.85 -9.75
C TYR B 69 15.14 5.38 -10.06
N CYS B 70 16.19 4.56 -10.09
CA CYS B 70 16.09 3.08 -10.20
C CYS B 70 15.48 2.55 -8.90
N THR B 71 14.43 1.72 -9.01
CA THR B 71 13.78 1.01 -7.88
C THR B 71 14.82 0.21 -7.09
N VAL B 72 15.84 -0.38 -7.73
CA VAL B 72 16.81 -1.26 -7.03
C VAL B 72 17.95 -0.44 -6.41
N CYS B 73 18.66 0.39 -7.20
CA CYS B 73 19.95 1.01 -6.80
C CYS B 73 19.86 2.55 -6.60
N CYS B 74 18.74 3.20 -6.95
CA CYS B 74 18.48 4.66 -6.78
C CYS B 74 19.23 5.56 -7.77
N GLU B 75 20.26 5.08 -8.47
CA GLU B 75 21.05 5.88 -9.44
C GLU B 75 20.46 5.49 -10.81
N GLY B 76 21.28 4.95 -11.71
CA GLY B 76 20.88 4.43 -13.03
C GLY B 76 21.28 5.35 -14.17
N ARG B 77 20.58 6.49 -14.30
CA ARG B 77 20.73 7.48 -15.41
C ARG B 77 20.13 6.93 -16.73
N GLU B 78 20.39 5.67 -17.10
CA GLU B 78 19.77 4.95 -18.25
C GLU B 78 18.58 4.14 -17.69
N LEU B 79 17.47 4.82 -17.43
CA LEU B 79 16.25 4.25 -16.81
C LEU B 79 15.37 3.63 -17.90
N LEU B 80 14.88 2.42 -17.66
CA LEU B 80 13.68 1.87 -18.37
C LEU B 80 12.44 2.22 -17.57
N LEU B 81 11.37 2.64 -18.25
CA LEU B 81 10.17 3.27 -17.66
C LEU B 81 9.01 2.28 -17.74
N CYS B 82 8.39 1.91 -16.62
CA CYS B 82 7.17 1.05 -16.62
C CYS B 82 6.07 1.78 -17.39
N SER B 83 5.43 1.10 -18.35
CA SER B 83 4.32 1.61 -19.18
C SER B 83 2.97 1.57 -18.44
N ASN B 84 2.87 0.91 -17.28
CA ASN B 84 1.64 0.91 -16.45
C ASN B 84 1.50 2.29 -15.80
N THR B 85 0.45 3.04 -16.12
CA THR B 85 0.19 4.42 -15.63
C THR B 85 -0.13 4.41 -14.12
N SER B 86 -0.51 3.26 -13.56
CA SER B 86 -0.69 3.04 -12.11
C SER B 86 0.64 2.81 -11.36
N CYS B 87 1.76 2.66 -12.06
CA CYS B 87 3.07 2.27 -11.49
C CYS B 87 4.08 3.41 -11.73
N CYS B 88 4.57 3.57 -12.96
CA CYS B 88 5.55 4.60 -13.39
C CYS B 88 6.90 4.43 -12.66
N ARG B 89 7.22 3.23 -12.17
CA ARG B 89 8.54 2.91 -11.58
C ARG B 89 9.56 2.76 -12.71
N CYS B 90 10.84 2.84 -12.35
CA CYS B 90 11.97 2.70 -13.30
C CYS B 90 13.03 1.73 -12.77
N PHE B 91 13.67 1.02 -13.70
CA PHE B 91 14.83 0.13 -13.45
C PHE B 91 15.95 0.54 -14.39
N CYS B 92 17.20 0.65 -13.91
CA CYS B 92 18.35 1.07 -14.73
C CYS B 92 18.88 -0.11 -15.57
N VAL B 93 19.64 0.20 -16.61
CA VAL B 93 20.28 -0.81 -17.51
C VAL B 93 21.16 -1.76 -16.68
N GLU B 94 22.01 -1.21 -15.81
CA GLU B 94 23.00 -1.98 -15.01
C GLU B 94 22.28 -3.04 -14.17
N CYS B 95 21.21 -2.66 -13.44
CA CYS B 95 20.46 -3.59 -12.54
C CYS B 95 19.86 -4.73 -13.38
N LEU B 96 19.26 -4.44 -14.53
CA LEU B 96 18.72 -5.45 -15.49
C LEU B 96 19.83 -6.38 -15.97
N GLU B 97 20.96 -5.83 -16.42
CA GLU B 97 22.11 -6.61 -16.97
C GLU B 97 22.65 -7.54 -15.89
N VAL B 98 22.85 -7.05 -14.66
CA VAL B 98 23.58 -7.78 -13.59
C VAL B 98 22.63 -8.72 -12.82
N LEU B 99 21.39 -8.31 -12.51
CA LEU B 99 20.46 -9.13 -11.66
C LEU B 99 19.62 -10.07 -12.53
N VAL B 100 19.16 -9.63 -13.70
CA VAL B 100 18.30 -10.46 -14.59
C VAL B 100 19.19 -11.23 -15.56
N GLY B 101 20.10 -10.56 -16.28
CA GLY B 101 21.08 -11.20 -17.18
C GLY B 101 21.42 -10.32 -18.38
N THR B 102 22.55 -10.63 -19.04
CA THR B 102 23.07 -9.90 -20.23
C THR B 102 22.00 -9.95 -21.32
N GLY B 103 21.69 -8.80 -21.96
CA GLY B 103 20.68 -8.71 -23.03
C GLY B 103 19.32 -8.23 -22.54
N THR B 104 19.00 -8.33 -21.25
CA THR B 104 17.69 -7.95 -20.66
C THR B 104 17.37 -6.49 -21.03
N ALA B 105 18.32 -5.57 -20.79
CA ALA B 105 18.16 -4.11 -21.00
C ALA B 105 17.79 -3.85 -22.47
N ALA B 106 18.55 -4.40 -23.42
CA ALA B 106 18.35 -4.26 -24.88
C ALA B 106 16.96 -4.80 -25.29
N GLU B 107 16.59 -6.00 -24.81
CA GLU B 107 15.25 -6.62 -25.06
C GLU B 107 14.14 -5.69 -24.51
N ALA B 108 14.31 -5.18 -23.29
CA ALA B 108 13.31 -4.33 -22.61
C ALA B 108 13.15 -2.99 -23.34
N LYS B 109 14.23 -2.39 -23.85
CA LYS B 109 14.21 -1.11 -24.62
C LYS B 109 13.41 -1.27 -25.92
N LEU B 110 13.33 -2.48 -26.51
CA LEU B 110 12.54 -2.73 -27.76
C LEU B 110 11.09 -3.13 -27.44
N GLN B 111 10.77 -3.53 -26.20
CA GLN B 111 9.44 -4.08 -25.82
C GLN B 111 8.42 -2.93 -25.79
N GLU B 112 7.22 -3.19 -26.33
CA GLU B 112 6.18 -2.19 -26.69
C GLU B 112 4.83 -2.79 -26.29
N PRO B 113 4.27 -2.52 -25.09
CA PRO B 113 4.93 -1.80 -23.99
C PRO B 113 5.75 -2.70 -23.03
N TRP B 114 6.62 -2.10 -22.21
CA TRP B 114 7.43 -2.77 -21.16
C TRP B 114 6.71 -2.65 -19.81
N SER B 115 6.49 -3.78 -19.12
CA SER B 115 5.97 -3.87 -17.73
C SER B 115 7.14 -4.18 -16.78
N CYS B 116 7.32 -3.39 -15.73
CA CYS B 116 8.47 -3.52 -14.79
C CYS B 116 8.30 -4.77 -13.89
N TYR B 117 9.32 -5.06 -13.09
CA TYR B 117 9.39 -6.28 -12.24
C TYR B 117 8.49 -6.17 -11.01
N MET B 118 7.96 -4.98 -10.67
CA MET B 118 6.89 -4.86 -9.65
C MET B 118 5.52 -5.20 -10.26
N CYS B 119 5.30 -5.07 -11.57
CA CYS B 119 3.99 -5.28 -12.22
C CYS B 119 3.84 -6.71 -12.75
N LEU B 120 4.93 -7.37 -13.16
CA LEU B 120 4.90 -8.70 -13.84
C LEU B 120 4.30 -9.74 -12.90
N PRO B 121 3.37 -10.61 -13.38
CA PRO B 121 2.86 -11.72 -12.56
C PRO B 121 3.98 -12.62 -12.02
N GLN B 122 4.98 -12.92 -12.84
CA GLN B 122 6.15 -13.76 -12.49
C GLN B 122 6.98 -12.99 -11.45
N ARG B 123 7.25 -13.64 -10.32
CA ARG B 123 7.94 -13.05 -9.14
C ARG B 123 9.46 -13.00 -9.40
N CYS B 124 10.04 -13.94 -10.16
CA CYS B 124 11.49 -14.22 -10.23
C CYS B 124 12.01 -14.12 -11.67
N HIS B 125 13.09 -13.35 -11.88
CA HIS B 125 13.87 -13.27 -13.15
C HIS B 125 15.35 -13.17 -12.79
N GLY B 126 16.15 -14.20 -13.14
CA GLY B 126 17.56 -14.28 -12.75
C GLY B 126 17.68 -14.33 -11.24
N VAL B 127 18.40 -13.39 -10.60
CA VAL B 127 18.46 -13.29 -9.10
C VAL B 127 17.57 -12.14 -8.59
N LEU B 128 16.74 -11.52 -9.44
CA LEU B 128 15.75 -10.48 -9.06
C LEU B 128 14.43 -11.17 -8.68
N ARG B 129 14.17 -11.28 -7.38
CA ARG B 129 12.93 -11.89 -6.84
C ARG B 129 12.15 -10.84 -6.06
N ARG B 130 10.99 -10.45 -6.56
CA ARG B 130 10.06 -9.58 -5.79
C ARG B 130 9.71 -10.30 -4.48
N ARG B 131 9.76 -9.61 -3.35
CA ARG B 131 9.39 -10.21 -2.04
C ARG B 131 7.91 -10.64 -2.08
N LYS B 132 7.62 -11.82 -1.54
CA LYS B 132 6.22 -12.26 -1.29
C LYS B 132 5.54 -11.30 -0.29
N ASP B 133 6.31 -10.72 0.65
CA ASP B 133 5.84 -9.82 1.73
C ASP B 133 6.30 -8.37 1.44
N TRP B 134 6.39 -7.95 0.16
CA TRP B 134 6.95 -6.61 -0.19
C TRP B 134 6.11 -5.51 0.49
N ASN B 135 4.80 -5.67 0.59
CA ASN B 135 3.90 -4.63 1.12
C ASN B 135 4.16 -4.44 2.63
N VAL B 136 4.21 -5.52 3.40
CA VAL B 136 4.52 -5.49 4.87
C VAL B 136 5.96 -5.01 5.06
N ARG B 137 6.91 -5.43 4.23
CA ARG B 137 8.34 -5.01 4.29
C ARG B 137 8.44 -3.49 4.10
N LEU B 138 7.68 -2.95 3.17
CA LEU B 138 7.67 -1.51 2.86
C LEU B 138 7.08 -0.74 4.05
N GLN B 139 6.04 -1.26 4.70
CA GLN B 139 5.47 -0.66 5.94
C GLN B 139 6.53 -0.65 7.06
N ALA B 140 7.30 -1.74 7.21
CA ALA B 140 8.42 -1.84 8.19
C ALA B 140 9.49 -0.80 7.84
N PHE B 141 9.81 -0.63 6.56
CA PHE B 141 10.79 0.36 6.05
C PHE B 141 10.37 1.78 6.43
N PHE B 142 9.08 2.12 6.29
CA PHE B 142 8.52 3.46 6.63
C PHE B 142 8.35 3.62 8.16
N THR B 143 8.23 2.54 8.93
CA THR B 143 8.01 2.59 10.39
C THR B 143 9.26 3.19 11.09
N SER B 144 10.45 2.76 10.70
CA SER B 144 11.73 3.15 11.34
C SER B 144 11.98 4.64 11.08
N ASP B 145 12.32 5.37 12.14
CA ASP B 145 12.77 6.79 12.09
C ASP B 145 14.28 6.87 12.37
N THR B 146 15.05 5.86 11.96
CA THR B 146 16.50 5.67 12.24
C THR B 146 17.19 5.10 11.00
N ASP C 6 0.58 36.88 -5.95
CA ASP C 6 0.53 35.42 -5.59
C ASP C 6 -0.68 34.77 -6.29
N GLN C 7 -0.45 33.70 -7.03
CA GLN C 7 -1.50 32.96 -7.79
C GLN C 7 -2.54 32.45 -6.80
N SER C 8 -3.78 32.89 -6.95
CA SER C 8 -4.96 32.33 -6.23
C SER C 8 -5.26 30.89 -6.71
N ARG C 9 -6.03 30.16 -5.94
CA ARG C 9 -6.43 28.77 -6.31
C ARG C 9 -7.46 28.83 -7.45
N GLU C 10 -8.31 29.87 -7.48
CA GLU C 10 -9.31 30.11 -8.56
C GLU C 10 -8.58 30.28 -9.91
N GLN C 11 -7.49 31.08 -9.92
CA GLN C 11 -6.66 31.34 -11.13
C GLN C 11 -5.98 30.04 -11.57
N MET C 12 -5.37 29.30 -10.63
CA MET C 12 -4.71 28.00 -10.89
C MET C 12 -5.70 27.01 -11.52
N ALA C 13 -6.91 26.88 -10.96
CA ALA C 13 -7.96 25.95 -11.44
C ALA C 13 -8.37 26.30 -12.88
N SER C 14 -8.56 27.58 -13.16
CA SER C 14 -8.94 28.10 -14.50
C SER C 14 -7.83 27.82 -15.54
N ASP C 15 -6.58 28.13 -15.21
CA ASP C 15 -5.40 27.86 -16.09
C ASP C 15 -5.26 26.36 -16.37
N VAL C 16 -5.40 25.51 -15.36
CA VAL C 16 -5.36 24.02 -15.50
C VAL C 16 -6.45 23.56 -16.47
N ALA C 17 -7.72 23.93 -16.26
CA ALA C 17 -8.87 23.53 -17.12
C ALA C 17 -8.64 23.96 -18.58
N ASN C 18 -8.02 25.13 -18.80
CA ASN C 18 -7.73 25.71 -20.14
C ASN C 18 -6.33 25.35 -20.65
N ASN C 19 -5.62 24.39 -20.04
CA ASN C 19 -4.32 23.85 -20.53
C ASN C 19 -3.25 24.96 -20.60
N LYS C 20 -3.33 25.98 -19.73
CA LYS C 20 -2.32 27.08 -19.65
C LYS C 20 -1.18 26.65 -18.72
N SER C 21 -1.50 25.88 -17.66
CA SER C 21 -0.53 25.29 -16.70
C SER C 21 -0.85 23.81 -16.55
N SER C 22 0.16 23.05 -16.14
CA SER C 22 0.03 21.71 -15.54
C SER C 22 -0.35 21.85 -14.07
N LEU C 23 -1.23 20.99 -13.59
CA LEU C 23 -1.50 20.74 -12.14
C LEU C 23 -0.19 20.62 -11.35
N GLU C 24 0.85 19.98 -11.89
CA GLU C 24 2.14 19.69 -11.21
C GLU C 24 2.93 20.97 -10.91
N ASP C 25 2.68 22.09 -11.61
CA ASP C 25 3.42 23.38 -11.46
C ASP C 25 2.66 24.37 -10.56
N GLY C 26 1.57 23.96 -9.92
CA GLY C 26 0.89 24.73 -8.86
C GLY C 26 0.72 23.90 -7.60
N CYS C 27 0.68 24.54 -6.43
CA CYS C 27 0.33 23.85 -5.17
C CYS C 27 -1.19 23.61 -5.17
N LEU C 28 -1.61 22.35 -5.17
CA LEU C 28 -3.06 21.94 -5.12
C LEU C 28 -3.71 22.53 -3.86
N SER C 29 -2.95 22.68 -2.78
CA SER C 29 -3.44 23.12 -1.45
C SER C 29 -3.67 24.64 -1.40
N CYS C 30 -2.68 25.46 -1.79
CA CYS C 30 -2.70 26.95 -1.62
C CYS C 30 -2.67 27.74 -2.95
N GLY C 31 -2.33 27.12 -4.09
CA GLY C 31 -2.39 27.78 -5.42
C GLY C 31 -1.06 28.33 -5.90
N ARG C 32 -0.02 28.36 -5.07
CA ARG C 32 1.26 29.05 -5.39
C ARG C 32 1.99 28.30 -6.51
N LYS C 33 2.73 29.04 -7.33
CA LYS C 33 3.51 28.54 -8.50
C LYS C 33 4.77 27.82 -8.02
N ASN C 34 5.26 26.90 -8.86
CA ASN C 34 6.55 26.16 -8.74
C ASN C 34 6.71 25.58 -7.33
N PRO C 35 5.79 24.69 -6.87
CA PRO C 35 6.00 23.98 -5.61
C PRO C 35 7.13 22.97 -5.73
N VAL C 36 7.77 22.67 -4.60
CA VAL C 36 8.97 21.78 -4.52
C VAL C 36 8.55 20.32 -4.70
N SER C 37 7.37 19.90 -4.22
CA SER C 37 6.97 18.48 -4.13
C SER C 37 5.59 18.28 -4.77
N PHE C 38 4.96 17.14 -4.53
CA PHE C 38 3.69 16.71 -5.20
C PHE C 38 2.69 16.31 -4.13
N HIS C 39 1.40 16.56 -4.36
CA HIS C 39 0.33 15.88 -3.59
C HIS C 39 0.31 14.40 -4.00
N PRO C 40 0.44 13.43 -3.08
CA PRO C 40 0.52 12.01 -3.47
C PRO C 40 -0.80 11.39 -3.96
N LEU C 41 -1.97 11.92 -3.59
CA LEU C 41 -3.29 11.30 -3.90
C LEU C 41 -3.95 11.93 -5.12
N PHE C 42 -3.79 13.24 -5.35
CA PHE C 42 -4.46 14.01 -6.42
C PHE C 42 -3.37 14.67 -7.27
N GLU C 43 -3.61 14.78 -8.58
CA GLU C 43 -2.71 15.49 -9.52
C GLU C 43 -2.58 16.94 -9.05
N GLY C 44 -1.34 17.40 -8.91
CA GLY C 44 -1.05 18.68 -8.27
C GLY C 44 0.27 18.68 -7.54
N GLY C 45 0.91 19.83 -7.50
CA GLY C 45 2.09 20.06 -6.67
C GLY C 45 1.70 20.21 -5.22
N LEU C 46 2.71 20.27 -4.36
CA LEU C 46 2.56 20.58 -2.92
C LEU C 46 3.79 21.39 -2.52
N CYS C 47 3.58 22.64 -2.08
CA CYS C 47 4.66 23.54 -1.64
C CYS C 47 5.17 23.04 -0.28
N GLN C 48 6.34 23.53 0.14
CA GLN C 48 7.01 23.08 1.38
C GLN C 48 6.09 23.33 2.58
N THR C 49 5.51 24.53 2.67
CA THR C 49 4.59 24.97 3.75
C THR C 49 3.36 24.05 3.85
N CYS C 50 2.66 23.80 2.74
CA CYS C 50 1.43 22.97 2.72
C CYS C 50 1.79 21.51 3.06
N ARG C 51 2.94 21.00 2.60
CA ARG C 51 3.43 19.64 2.92
C ARG C 51 3.68 19.53 4.43
N ASP C 52 4.34 20.54 5.03
CA ASP C 52 4.66 20.57 6.48
C ASP C 52 3.36 20.60 7.32
N ARG C 53 2.26 21.18 6.84
CA ARG C 53 0.96 21.16 7.59
C ARG C 53 0.55 19.71 7.88
N PHE C 54 0.59 18.83 6.88
CA PHE C 54 0.23 17.38 7.03
C PHE C 54 1.14 16.69 8.06
N LEU C 55 2.46 16.90 7.94
CA LEU C 55 3.48 16.30 8.85
C LEU C 55 3.28 16.79 10.30
N GLU C 56 2.85 18.05 10.47
CA GLU C 56 2.85 18.76 11.76
C GLU C 56 1.43 18.90 12.33
N LEU C 57 0.45 18.14 11.84
CA LEU C 57 -0.87 18.00 12.53
C LEU C 57 -0.63 17.58 13.97
N PHE C 58 -1.45 18.06 14.91
CA PHE C 58 -1.52 17.52 16.29
C PHE C 58 -2.36 16.22 16.22
N TYR C 59 -3.64 16.25 16.57
CA TYR C 59 -4.58 15.10 16.42
C TYR C 59 -4.94 14.95 14.93
N MET C 60 -4.72 13.76 14.36
CA MET C 60 -5.09 13.45 12.95
C MET C 60 -6.53 12.96 12.84
N TYR C 61 -7.17 12.55 13.94
CA TYR C 61 -8.58 12.07 14.01
C TYR C 61 -9.38 12.86 15.05
N ASP C 62 -10.68 13.04 14.82
CA ASP C 62 -11.65 13.58 15.81
C ASP C 62 -12.09 12.41 16.69
N ASP C 63 -12.93 12.64 17.70
CA ASP C 63 -13.36 11.59 18.66
C ASP C 63 -14.30 10.57 18.01
N ASP C 64 -14.90 10.86 16.85
CA ASP C 64 -15.81 9.94 16.10
C ASP C 64 -15.03 9.10 15.06
N GLY C 65 -13.70 9.19 14.96
CA GLY C 65 -12.88 8.38 14.04
C GLY C 65 -12.87 8.89 12.61
N TYR C 66 -13.24 10.15 12.37
CA TYR C 66 -13.01 10.83 11.07
C TYR C 66 -11.74 11.67 11.18
N GLN C 67 -11.05 11.81 10.06
CA GLN C 67 -9.81 12.62 9.98
C GLN C 67 -10.16 14.08 10.33
N SER C 68 -9.26 14.75 11.02
CA SER C 68 -9.38 16.13 11.54
C SER C 68 -9.00 17.17 10.46
N TYR C 69 -8.68 16.74 9.24
CA TYR C 69 -8.06 17.58 8.19
C TYR C 69 -8.59 17.23 6.81
N CYS C 70 -8.62 18.23 5.93
CA CYS C 70 -8.90 18.09 4.49
C CYS C 70 -7.75 17.30 3.86
N THR C 71 -8.08 16.25 3.11
CA THR C 71 -7.14 15.41 2.31
C THR C 71 -6.33 16.31 1.35
N VAL C 72 -6.91 17.37 0.79
CA VAL C 72 -6.21 18.22 -0.21
C VAL C 72 -5.33 19.29 0.48
N CYS C 73 -5.90 20.13 1.37
CA CYS C 73 -5.27 21.37 1.88
C CYS C 73 -4.94 21.35 3.38
N CYS C 74 -5.37 20.33 4.13
CA CYS C 74 -5.10 20.16 5.59
C CYS C 74 -5.96 21.09 6.49
N GLU C 75 -6.91 21.85 5.94
CA GLU C 75 -7.89 22.70 6.69
C GLU C 75 -8.78 21.81 7.58
N GLY C 76 -9.16 22.31 8.75
CA GLY C 76 -9.96 21.58 9.76
C GLY C 76 -11.40 22.01 9.84
N ARG C 77 -11.78 23.16 9.27
CA ARG C 77 -13.13 23.78 9.37
C ARG C 77 -13.95 23.39 8.13
N GLU C 78 -15.25 23.20 8.30
CA GLU C 78 -16.27 22.90 7.22
C GLU C 78 -15.81 21.68 6.43
N LEU C 79 -15.57 20.57 7.14
CA LEU C 79 -15.15 19.28 6.53
C LEU C 79 -16.41 18.50 6.15
N LEU C 80 -16.42 17.94 4.94
CA LEU C 80 -17.33 16.85 4.56
C LEU C 80 -16.64 15.52 4.89
N LEU C 81 -17.39 14.57 5.47
CA LEU C 81 -16.88 13.33 6.11
C LEU C 81 -17.23 12.15 5.22
N CYS C 82 -16.26 11.38 4.72
CA CYS C 82 -16.54 10.16 3.93
C CYS C 82 -17.31 9.19 4.82
N SER C 83 -18.43 8.66 4.31
CA SER C 83 -19.30 7.65 4.99
C SER C 83 -18.73 6.22 4.87
N ASN C 84 -17.70 5.97 4.06
CA ASN C 84 -17.03 4.64 3.97
C ASN C 84 -16.19 4.44 5.24
N THR C 85 -16.53 3.46 6.07
CA THR C 85 -15.90 3.17 7.38
C THR C 85 -14.47 2.64 7.20
N SER C 86 -14.10 2.17 5.99
CA SER C 86 -12.72 1.79 5.62
C SER C 86 -11.86 3.03 5.23
N CYS C 87 -12.44 4.21 5.12
CA CYS C 87 -11.78 5.43 4.57
C CYS C 87 -11.73 6.50 5.67
N CYS C 88 -12.86 7.13 5.99
CA CYS C 88 -13.02 8.18 7.04
C CYS C 88 -12.17 9.44 6.72
N ARG C 89 -11.84 9.66 5.44
CA ARG C 89 -11.14 10.88 4.97
C ARG C 89 -12.15 12.02 4.92
N CYS C 90 -11.65 13.25 4.86
CA CYS C 90 -12.45 14.49 4.79
C CYS C 90 -11.96 15.40 3.67
N PHE C 91 -12.88 16.17 3.09
CA PHE C 91 -12.62 17.24 2.10
C PHE C 91 -13.33 18.51 2.58
N CYS C 92 -12.68 19.67 2.50
CA CYS C 92 -13.25 20.96 2.95
C CYS C 92 -14.14 21.55 1.85
N VAL C 93 -15.01 22.48 2.24
CA VAL C 93 -15.93 23.21 1.33
C VAL C 93 -15.11 23.91 0.22
N GLU C 94 -14.05 24.62 0.61
CA GLU C 94 -13.25 25.48 -0.30
C GLU C 94 -12.66 24.61 -1.43
N CYS C 95 -12.08 23.45 -1.12
CA CYS C 95 -11.43 22.57 -2.12
C CYS C 95 -12.49 22.07 -3.12
N LEU C 96 -13.66 21.65 -2.64
CA LEU C 96 -14.82 21.24 -3.49
C LEU C 96 -15.25 22.39 -4.41
N GLU C 97 -15.45 23.59 -3.85
CA GLU C 97 -15.91 24.79 -4.60
C GLU C 97 -14.89 25.14 -5.70
N VAL C 98 -13.61 25.18 -5.37
CA VAL C 98 -12.54 25.74 -6.25
C VAL C 98 -12.04 24.65 -7.24
N LEU C 99 -11.87 23.39 -6.80
CA LEU C 99 -11.27 22.33 -7.68
C LEU C 99 -12.36 21.62 -8.48
N VAL C 100 -13.54 21.34 -7.91
CA VAL C 100 -14.64 20.60 -8.61
C VAL C 100 -15.54 21.62 -9.30
N GLY C 101 -16.04 22.63 -8.58
CA GLY C 101 -16.86 23.72 -9.12
C GLY C 101 -17.88 24.23 -8.12
N THR C 102 -18.43 25.42 -8.41
CA THR C 102 -19.42 26.15 -7.59
C THR C 102 -20.63 25.25 -7.37
N GLY C 103 -21.11 25.12 -6.13
CA GLY C 103 -22.28 24.32 -5.73
C GLY C 103 -21.95 22.91 -5.29
N THR C 104 -20.74 22.39 -5.55
CA THR C 104 -20.33 21.00 -5.22
C THR C 104 -20.53 20.76 -3.71
N ALA C 105 -20.04 21.67 -2.87
CA ALA C 105 -20.08 21.60 -1.39
C ALA C 105 -21.52 21.45 -0.92
N ALA C 106 -22.42 22.32 -1.36
CA ALA C 106 -23.87 22.32 -1.01
C ALA C 106 -24.53 21.00 -1.43
N GLU C 107 -24.29 20.53 -2.66
CA GLU C 107 -24.78 19.23 -3.18
C GLU C 107 -24.26 18.07 -2.31
N ALA C 108 -22.97 18.09 -1.98
CA ALA C 108 -22.30 17.03 -1.20
C ALA C 108 -22.86 16.98 0.23
N LYS C 109 -23.14 18.13 0.86
CA LYS C 109 -23.72 18.23 2.23
C LYS C 109 -25.11 17.60 2.29
N LEU C 110 -25.86 17.56 1.17
CA LEU C 110 -27.22 16.95 1.08
C LEU C 110 -27.15 15.45 0.76
N GLN C 111 -26.02 14.91 0.26
CA GLN C 111 -25.90 13.46 -0.09
C GLN C 111 -25.88 12.63 1.20
N GLU C 112 -26.64 11.53 1.21
CA GLU C 112 -26.78 10.60 2.36
C GLU C 112 -26.86 9.21 1.73
N PRO C 113 -25.77 8.41 1.68
CA PRO C 113 -24.45 8.79 2.20
C PRO C 113 -23.57 9.52 1.16
N TRP C 114 -22.57 10.27 1.64
CA TRP C 114 -21.53 10.93 0.80
C TRP C 114 -20.28 10.03 0.76
N SER C 115 -19.80 9.70 -0.44
CA SER C 115 -18.52 9.00 -0.71
C SER C 115 -17.50 10.02 -1.19
N CYS C 116 -16.31 10.08 -0.59
CA CYS C 116 -15.26 11.08 -0.94
C CYS C 116 -14.61 10.76 -2.30
N TYR C 117 -13.71 11.63 -2.76
CA TYR C 117 -13.05 11.56 -4.09
C TYR C 117 -11.96 10.47 -4.13
N MET C 118 -11.53 9.93 -2.99
CA MET C 118 -10.69 8.70 -2.96
C MET C 118 -11.54 7.44 -3.19
N CYS C 119 -12.83 7.44 -2.84
CA CYS C 119 -13.71 6.24 -2.87
C CYS C 119 -14.50 6.18 -4.19
N LEU C 120 -14.80 7.31 -4.85
CA LEU C 120 -15.65 7.37 -6.06
C LEU C 120 -14.95 6.60 -7.20
N PRO C 121 -15.65 5.71 -7.94
CA PRO C 121 -15.06 5.06 -9.12
C PRO C 121 -14.52 6.08 -10.14
N GLN C 122 -15.24 7.19 -10.36
CA GLN C 122 -14.83 8.23 -11.33
C GLN C 122 -13.56 8.92 -10.79
N ARG C 123 -12.50 8.97 -11.61
CA ARG C 123 -11.17 9.46 -11.21
C ARG C 123 -11.15 11.00 -11.15
N CYS C 124 -11.84 11.69 -12.08
CA CYS C 124 -11.74 13.17 -12.22
C CYS C 124 -13.09 13.87 -12.03
N HIS C 125 -13.09 14.98 -11.29
CA HIS C 125 -14.22 15.95 -11.16
C HIS C 125 -13.66 17.37 -11.24
N GLY C 126 -13.95 18.11 -12.30
CA GLY C 126 -13.32 19.43 -12.55
C GLY C 126 -11.81 19.26 -12.71
N VAL C 127 -11.00 19.94 -11.89
CA VAL C 127 -9.52 19.79 -11.89
C VAL C 127 -9.06 18.96 -10.67
N LEU C 128 -9.99 18.32 -9.94
CA LEU C 128 -9.67 17.33 -8.88
C LEU C 128 -9.57 15.95 -9.53
N ARG C 129 -8.35 15.48 -9.75
CA ARG C 129 -8.06 14.24 -10.51
C ARG C 129 -7.24 13.34 -9.59
N ARG C 130 -7.87 12.27 -9.09
CA ARG C 130 -7.14 11.26 -8.28
C ARG C 130 -6.03 10.71 -9.16
N ARG C 131 -4.82 10.58 -8.63
CA ARG C 131 -3.70 10.01 -9.42
C ARG C 131 -4.02 8.56 -9.81
N LYS C 132 -3.74 8.18 -11.06
CA LYS C 132 -3.76 6.76 -11.50
C LYS C 132 -2.77 5.95 -10.67
N ASP C 133 -1.66 6.55 -10.24
CA ASP C 133 -0.52 5.92 -9.52
C ASP C 133 -0.50 6.39 -8.05
N TRP C 134 -1.65 6.68 -7.42
CA TRP C 134 -1.71 7.29 -6.06
C TRP C 134 -1.00 6.37 -5.05
N ASN C 135 -1.11 5.05 -5.20
CA ASN C 135 -0.53 4.10 -4.22
C ASN C 135 1.00 4.17 -4.28
N VAL C 136 1.58 4.07 -5.48
CA VAL C 136 3.06 4.18 -5.68
C VAL C 136 3.53 5.59 -5.27
N ARG C 137 2.77 6.63 -5.61
CA ARG C 137 3.08 8.04 -5.23
C ARG C 137 3.16 8.19 -3.71
N LEU C 138 2.26 7.56 -2.98
CA LEU C 138 2.24 7.58 -1.50
C LEU C 138 3.48 6.89 -0.93
N GLN C 139 3.89 5.76 -1.52
CA GLN C 139 5.14 5.04 -1.15
C GLN C 139 6.36 5.96 -1.37
N ALA C 140 6.41 6.66 -2.51
CA ALA C 140 7.46 7.66 -2.85
C ALA C 140 7.45 8.81 -1.82
N PHE C 141 6.28 9.30 -1.45
CA PHE C 141 6.08 10.40 -0.47
C PHE C 141 6.66 10.00 0.90
N PHE C 142 6.45 8.76 1.34
CA PHE C 142 6.98 8.24 2.63
C PHE C 142 8.46 7.88 2.53
N THR C 143 9.01 7.60 1.34
CA THR C 143 10.42 7.19 1.16
C THR C 143 11.35 8.35 1.54
N SER C 144 11.06 9.56 1.09
CA SER C 144 11.96 10.74 1.24
C SER C 144 11.96 11.16 2.72
N ASP C 145 13.14 11.39 3.30
CA ASP C 145 13.32 12.24 4.52
C ASP C 145 13.08 13.72 4.17
N THR C 146 13.63 14.16 3.04
CA THR C 146 13.49 15.52 2.46
C THR C 146 12.00 15.87 2.25
N MET D 12 -15.31 -22.44 -26.29
CA MET D 12 -14.12 -21.76 -25.67
C MET D 12 -13.63 -22.58 -24.46
N ALA D 13 -14.53 -22.85 -23.49
CA ALA D 13 -14.29 -23.61 -22.24
C ALA D 13 -13.73 -25.00 -22.53
N SER D 14 -14.25 -25.69 -23.57
CA SER D 14 -13.84 -27.07 -23.96
C SER D 14 -12.47 -27.06 -24.66
N ASP D 15 -12.20 -26.06 -25.52
CA ASP D 15 -10.91 -25.90 -26.25
C ASP D 15 -9.78 -25.61 -25.24
N VAL D 16 -9.98 -24.64 -24.33
CA VAL D 16 -9.00 -24.23 -23.27
C VAL D 16 -8.74 -25.41 -22.31
N ALA D 17 -9.80 -26.14 -21.92
CA ALA D 17 -9.74 -27.32 -21.02
C ALA D 17 -8.81 -28.40 -21.61
N ASN D 18 -8.80 -28.59 -22.94
CA ASN D 18 -8.05 -29.67 -23.66
C ASN D 18 -6.77 -29.13 -24.34
N ASN D 19 -6.30 -27.90 -24.01
CA ASN D 19 -5.11 -27.18 -24.54
C ASN D 19 -5.36 -26.43 -25.87
N LYS D 20 -6.37 -26.83 -26.67
CA LYS D 20 -6.59 -26.40 -28.08
C LYS D 20 -6.59 -24.87 -28.22
N SER D 21 -7.13 -24.13 -27.23
CA SER D 21 -7.22 -22.65 -27.17
C SER D 21 -6.41 -22.11 -25.97
N SER D 22 -6.07 -20.83 -26.04
CA SER D 22 -5.65 -19.98 -24.89
C SER D 22 -6.88 -19.26 -24.33
N LEU D 23 -6.88 -18.94 -23.03
CA LEU D 23 -7.89 -18.04 -22.39
C LEU D 23 -7.75 -16.63 -23.00
N GLU D 24 -6.51 -16.14 -23.15
CA GLU D 24 -6.17 -14.79 -23.69
C GLU D 24 -6.61 -14.68 -25.16
N ASP D 25 -6.60 -15.78 -25.93
CA ASP D 25 -7.20 -15.88 -27.30
C ASP D 25 -8.68 -16.29 -27.17
N GLY D 26 -9.55 -15.34 -26.80
CA GLY D 26 -10.99 -15.55 -26.62
C GLY D 26 -11.56 -14.70 -25.49
N CYS D 27 -12.87 -14.41 -25.54
CA CYS D 27 -13.59 -13.53 -24.58
C CYS D 27 -14.27 -14.37 -23.49
N LEU D 28 -13.94 -14.13 -22.22
CA LEU D 28 -14.53 -14.83 -21.03
C LEU D 28 -15.99 -14.42 -20.80
N SER D 29 -16.45 -13.26 -21.32
CA SER D 29 -17.85 -12.75 -21.18
C SER D 29 -18.82 -13.49 -22.14
N CYS D 30 -18.40 -13.76 -23.39
CA CYS D 30 -19.18 -14.49 -24.43
C CYS D 30 -18.25 -15.26 -25.37
N GLY D 31 -17.60 -14.57 -26.34
CA GLY D 31 -16.69 -15.17 -27.33
C GLY D 31 -16.21 -14.16 -28.35
N SER D 37 -9.51 -6.51 -25.80
CA SER D 37 -8.44 -6.35 -24.77
C SER D 37 -8.38 -7.59 -23.86
N PHE D 38 -8.78 -7.48 -22.57
CA PHE D 38 -8.57 -8.49 -21.50
C PHE D 38 -9.55 -8.27 -20.34
N HIS D 39 -9.94 -9.36 -19.66
CA HIS D 39 -10.74 -9.36 -18.40
C HIS D 39 -9.82 -8.97 -17.23
N PRO D 40 -10.17 -7.95 -16.39
CA PRO D 40 -9.25 -7.42 -15.37
C PRO D 40 -8.78 -8.36 -14.23
N LEU D 41 -9.67 -9.26 -13.75
CA LEU D 41 -9.53 -10.03 -12.48
C LEU D 41 -9.18 -11.50 -12.75
N PHE D 42 -9.81 -12.12 -13.77
CA PHE D 42 -9.62 -13.55 -14.18
C PHE D 42 -8.93 -13.62 -15.55
N GLU D 43 -8.21 -14.72 -15.80
CA GLU D 43 -7.48 -14.99 -17.08
C GLU D 43 -8.51 -15.10 -18.22
N GLY D 44 -8.33 -14.29 -19.27
CA GLY D 44 -9.26 -14.20 -20.42
C GLY D 44 -9.19 -12.87 -21.15
N GLY D 45 -9.68 -12.86 -22.39
CA GLY D 45 -10.02 -11.64 -23.14
C GLY D 45 -11.35 -11.05 -22.68
N LEU D 46 -11.66 -9.83 -23.14
CA LEU D 46 -12.98 -9.16 -22.94
C LEU D 46 -13.32 -8.35 -24.21
N CYS D 47 -14.51 -8.58 -24.81
CA CYS D 47 -15.03 -7.91 -26.04
C CYS D 47 -15.48 -6.47 -25.72
N GLN D 48 -15.43 -5.57 -26.70
CA GLN D 48 -15.76 -4.12 -26.55
C GLN D 48 -17.28 -3.96 -26.41
N CYS D 70 -22.52 -9.21 -11.74
CA CYS D 70 -21.64 -10.40 -11.88
C CYS D 70 -20.26 -9.97 -12.40
N THR D 71 -19.19 -10.48 -11.76
CA THR D 71 -17.77 -10.07 -11.96
C THR D 71 -17.25 -10.48 -13.35
N VAL D 72 -17.79 -11.53 -13.97
CA VAL D 72 -17.26 -12.15 -15.23
C VAL D 72 -17.83 -11.39 -16.46
N CYS D 73 -19.17 -11.23 -16.56
CA CYS D 73 -19.91 -10.79 -17.77
C CYS D 73 -20.66 -9.45 -17.59
N CYS D 74 -20.64 -8.82 -16.39
CA CYS D 74 -21.41 -7.59 -16.01
C CYS D 74 -22.92 -7.80 -16.21
N GLU D 75 -23.48 -8.88 -15.64
CA GLU D 75 -24.95 -9.14 -15.53
C GLU D 75 -25.24 -9.69 -14.11
N GLY D 76 -25.79 -10.90 -13.97
CA GLY D 76 -26.30 -11.48 -12.70
C GLY D 76 -27.73 -11.94 -12.83
N ARG D 77 -27.97 -13.03 -13.57
CA ARG D 77 -29.29 -13.73 -13.68
C ARG D 77 -29.67 -14.28 -12.30
N GLU D 78 -28.71 -14.89 -11.60
CA GLU D 78 -28.76 -15.19 -10.14
C GLU D 78 -27.36 -14.94 -9.53
N LEU D 79 -27.13 -13.74 -8.99
CA LEU D 79 -25.86 -13.33 -8.32
C LEU D 79 -25.78 -14.03 -6.95
N LEU D 80 -24.60 -14.60 -6.60
CA LEU D 80 -24.35 -15.37 -5.33
C LEU D 80 -23.61 -14.51 -4.30
N LEU D 81 -23.87 -14.77 -3.01
CA LEU D 81 -23.33 -14.00 -1.85
C LEU D 81 -21.92 -14.49 -1.50
N CYS D 82 -21.01 -13.57 -1.18
CA CYS D 82 -19.57 -13.82 -0.89
C CYS D 82 -19.44 -14.48 0.49
N CYS D 92 -22.70 -15.19 -11.65
CA CYS D 92 -23.98 -15.65 -12.26
C CYS D 92 -23.90 -17.14 -12.65
N VAL D 93 -25.07 -17.80 -12.76
CA VAL D 93 -25.23 -19.26 -13.07
C VAL D 93 -24.72 -19.54 -14.49
N GLU D 94 -24.98 -18.63 -15.46
CA GLU D 94 -24.50 -18.69 -16.87
C GLU D 94 -22.98 -18.43 -17.01
N CYS D 95 -22.25 -18.07 -15.93
CA CYS D 95 -20.76 -17.97 -15.89
C CYS D 95 -20.16 -19.18 -15.15
N LEU D 96 -20.74 -19.59 -14.01
CA LEU D 96 -20.25 -20.75 -13.19
C LEU D 96 -20.41 -22.05 -13.99
N GLU D 97 -21.60 -22.30 -14.59
CA GLU D 97 -21.90 -23.48 -15.46
C GLU D 97 -20.89 -23.57 -16.61
N VAL D 98 -20.65 -22.45 -17.30
CA VAL D 98 -19.83 -22.34 -18.55
C VAL D 98 -18.33 -22.55 -18.23
N LEU D 99 -17.82 -22.00 -17.11
CA LEU D 99 -16.36 -21.86 -16.85
C LEU D 99 -15.86 -22.88 -15.81
N VAL D 100 -16.61 -23.19 -14.75
CA VAL D 100 -16.18 -24.11 -13.64
C VAL D 100 -16.61 -25.56 -13.99
N GLY D 101 -17.91 -25.87 -13.95
CA GLY D 101 -18.42 -27.24 -14.19
C GLY D 101 -19.94 -27.30 -14.32
N THR D 102 -20.44 -28.24 -15.13
CA THR D 102 -21.87 -28.64 -15.36
C THR D 102 -22.86 -27.69 -14.69
N SER D 115 -17.62 -17.51 0.37
CA SER D 115 -16.55 -16.74 -0.34
C SER D 115 -16.59 -17.06 -1.84
N CYS D 116 -16.48 -16.03 -2.70
CA CYS D 116 -16.49 -16.12 -4.18
C CYS D 116 -15.11 -16.56 -4.71
N TYR D 117 -14.92 -16.60 -6.04
CA TYR D 117 -13.67 -17.04 -6.73
C TYR D 117 -12.49 -16.07 -6.43
N MET D 118 -12.77 -14.79 -6.16
CA MET D 118 -11.77 -13.76 -5.76
C MET D 118 -11.36 -13.89 -4.28
N CYS D 119 -12.22 -14.48 -3.42
CA CYS D 119 -12.03 -14.60 -1.94
C CYS D 119 -11.25 -15.88 -1.57
N LEU D 120 -11.49 -17.01 -2.27
CA LEU D 120 -10.98 -18.35 -1.87
C LEU D 120 -9.47 -18.47 -2.17
N PRO D 121 -8.67 -19.21 -1.36
CA PRO D 121 -7.21 -19.31 -1.54
C PRO D 121 -6.70 -19.93 -2.87
N GLN D 122 -7.35 -21.01 -3.34
CA GLN D 122 -7.04 -21.70 -4.62
C GLN D 122 -7.29 -20.74 -5.78
N ARG D 123 -6.32 -20.63 -6.69
CA ARG D 123 -6.33 -19.65 -7.80
C ARG D 123 -7.25 -20.16 -8.93
N CYS D 124 -7.28 -21.47 -9.19
CA CYS D 124 -7.80 -22.12 -10.43
C CYS D 124 -8.94 -23.12 -10.12
N HIS D 125 -10.13 -22.86 -10.67
CA HIS D 125 -11.34 -23.73 -10.63
C HIS D 125 -11.93 -23.84 -12.06
N GLY D 126 -11.85 -25.02 -12.68
CA GLY D 126 -12.27 -25.27 -14.08
C GLY D 126 -11.38 -24.57 -15.09
N VAL D 127 -11.92 -23.64 -15.88
CA VAL D 127 -11.17 -22.73 -16.80
C VAL D 127 -11.22 -21.28 -16.26
N LEU D 128 -11.74 -21.05 -15.05
CA LEU D 128 -11.72 -19.75 -14.31
C LEU D 128 -10.49 -19.73 -13.39
N ARG D 129 -9.51 -18.88 -13.72
CA ARG D 129 -8.22 -18.72 -13.01
C ARG D 129 -8.11 -17.27 -12.55
N ARG D 130 -8.03 -17.04 -11.23
CA ARG D 130 -7.76 -15.70 -10.63
C ARG D 130 -6.40 -15.22 -11.16
N ARG D 131 -6.31 -14.00 -11.72
CA ARG D 131 -5.02 -13.44 -12.20
C ARG D 131 -4.05 -13.35 -10.99
N LYS D 132 -2.82 -13.85 -11.14
CA LYS D 132 -1.69 -13.60 -10.21
C LYS D 132 -1.49 -12.10 -9.99
N ASP D 133 -1.63 -11.30 -11.07
CA ASP D 133 -1.45 -9.83 -11.15
C ASP D 133 -2.82 -9.11 -11.22
N TRP D 134 -3.88 -9.62 -10.57
CA TRP D 134 -5.27 -9.09 -10.69
C TRP D 134 -5.34 -7.60 -10.28
N ASN D 135 -4.56 -7.20 -9.25
CA ASN D 135 -4.52 -5.84 -8.66
C ASN D 135 -4.02 -4.82 -9.70
N VAL D 136 -2.92 -5.14 -10.41
CA VAL D 136 -2.30 -4.29 -11.48
C VAL D 136 -3.24 -4.21 -12.69
N ARG D 137 -3.79 -5.35 -13.13
CA ARG D 137 -4.63 -5.50 -14.36
C ARG D 137 -5.98 -4.77 -14.19
N LEU D 138 -6.56 -4.76 -12.98
CA LEU D 138 -7.81 -4.02 -12.62
C LEU D 138 -7.57 -2.50 -12.72
N GLN D 139 -6.51 -2.02 -12.06
CA GLN D 139 -6.04 -0.60 -12.03
C GLN D 139 -5.90 -0.07 -13.47
N ALA D 140 -5.14 -0.78 -14.31
CA ALA D 140 -4.92 -0.49 -15.75
C ALA D 140 -6.26 -0.44 -16.51
N PHE D 141 -7.19 -1.36 -16.21
CA PHE D 141 -8.52 -1.49 -16.89
C PHE D 141 -9.46 -0.33 -16.52
N PHE D 142 -9.35 0.30 -15.33
CA PHE D 142 -10.23 1.40 -14.84
C PHE D 142 -9.43 2.70 -14.64
#